data_5JMB
#
_entry.id   5JMB
#
_cell.length_a   47.860
_cell.length_b   47.860
_cell.length_c   292.850
_cell.angle_alpha   90.00
_cell.angle_beta   90.00
_cell.angle_gamma   120.00
#
_symmetry.space_group_name_H-M   'P 65 2 2'
#
loop_
_entity.id
_entity.type
_entity.pdbx_description
1 polymer 'Uncharacterized protein'
2 water water
#
_entity_poly.entity_id   1
_entity_poly.type   'polypeptide(L)'
_entity_poly.pdbx_seq_one_letter_code
;SNAVTVDDLVEGIAFSITHDSENPNIVYLKSL(MSE)PSSYQVCWQHPQGRSQEREVTLQ(MSE)PFEGKYEVTFGVQTR
GGIVYGNPATFTIDSFCADFVN
;
_entity_poly.pdbx_strand_id   A,B
#
# COMPACT_ATOMS: atom_id res chain seq x y z
N ALA A 3 -1.95 -14.42 7.58
CA ALA A 3 -2.48 -13.20 6.99
C ALA A 3 -3.05 -13.49 5.60
N VAL A 4 -4.04 -12.70 5.18
CA VAL A 4 -4.64 -12.84 3.86
C VAL A 4 -3.58 -12.54 2.78
N THR A 5 -3.66 -13.21 1.64
CA THR A 5 -2.71 -13.00 0.55
C THR A 5 -3.42 -12.53 -0.70
N VAL A 6 -2.65 -12.12 -1.70
CA VAL A 6 -3.23 -11.69 -2.96
C VAL A 6 -4.14 -12.77 -3.54
N ASP A 7 -3.73 -14.01 -3.45
CA ASP A 7 -4.48 -15.09 -4.11
C ASP A 7 -5.76 -15.45 -3.35
N ASP A 8 -5.88 -14.98 -2.12
CA ASP A 8 -7.13 -15.13 -1.39
C ASP A 8 -8.21 -14.20 -1.92
N LEU A 9 -7.79 -13.06 -2.46
CA LEU A 9 -8.74 -11.99 -2.73
C LEU A 9 -9.34 -12.17 -4.12
N VAL A 10 -10.23 -13.14 -4.20
CA VAL A 10 -10.81 -13.59 -5.46
C VAL A 10 -12.31 -13.30 -5.48
N GLU A 11 -12.79 -12.84 -6.62
CA GLU A 11 -14.21 -12.59 -6.80
C GLU A 11 -14.98 -13.89 -6.64
N GLY A 12 -16.03 -13.85 -5.83
CA GLY A 12 -16.83 -15.04 -5.55
C GLY A 12 -16.41 -15.68 -4.25
N ILE A 13 -15.29 -15.23 -3.70
CA ILE A 13 -14.77 -15.82 -2.49
C ILE A 13 -14.57 -14.75 -1.43
N ALA A 14 -13.77 -13.73 -1.74
CA ALA A 14 -13.51 -12.64 -0.81
C ALA A 14 -14.46 -11.45 -1.03
N PHE A 15 -15.04 -11.37 -2.22
CA PHE A 15 -15.89 -10.23 -2.56
C PHE A 15 -16.73 -10.60 -3.77
N SER A 16 -17.78 -9.84 -4.00
CA SER A 16 -18.61 -10.09 -5.17
C SER A 16 -18.90 -8.79 -5.94
N ILE A 17 -19.18 -8.94 -7.23
CA ILE A 17 -19.61 -7.87 -8.11
C ILE A 17 -20.88 -8.33 -8.79
N THR A 18 -21.97 -7.57 -8.64
CA THR A 18 -23.27 -8.00 -9.14
C THR A 18 -24.04 -6.89 -9.83
N HIS A 19 -24.56 -7.18 -11.01
CA HIS A 19 -25.48 -6.28 -11.70
C HIS A 19 -26.85 -6.35 -11.04
N ASP A 20 -27.49 -5.21 -10.86
CA ASP A 20 -28.89 -5.18 -10.43
C ASP A 20 -29.75 -5.96 -11.42
N SER A 21 -30.71 -6.72 -10.92
CA SER A 21 -31.51 -7.58 -11.76
C SER A 21 -32.44 -6.79 -12.69
N GLU A 22 -32.85 -5.60 -12.26
CA GLU A 22 -33.78 -4.80 -13.02
C GLU A 22 -33.07 -3.80 -13.92
N ASN A 23 -32.01 -3.18 -13.41
CA ASN A 23 -31.23 -2.22 -14.18
C ASN A 23 -29.75 -2.57 -14.15
N PRO A 24 -29.26 -3.25 -15.20
CA PRO A 24 -27.89 -3.75 -15.22
C PRO A 24 -26.82 -2.65 -15.21
N ASN A 25 -27.20 -1.38 -15.31
CA ASN A 25 -26.23 -0.30 -15.14
C ASN A 25 -25.95 0.00 -13.68
N ILE A 26 -26.74 -0.60 -12.79
CA ILE A 26 -26.42 -0.55 -11.38
C ILE A 26 -25.56 -1.78 -11.00
N VAL A 27 -24.40 -1.51 -10.42
CA VAL A 27 -23.48 -2.58 -10.05
C VAL A 27 -23.15 -2.53 -8.56
N TYR A 28 -23.33 -3.67 -7.89
CA TYR A 28 -23.09 -3.77 -6.45
C TYR A 28 -21.77 -4.45 -6.11
N LEU A 29 -20.93 -3.73 -5.37
CA LEU A 29 -19.67 -4.29 -4.87
C LEU A 29 -19.93 -4.67 -3.43
N LYS A 30 -19.61 -5.91 -3.08
CA LYS A 30 -19.87 -6.40 -1.75
C LYS A 30 -18.68 -7.20 -1.21
N SER A 31 -18.26 -6.89 0.01
CA SER A 31 -17.24 -7.67 0.70
C SER A 31 -17.85 -8.94 1.23
N LEU A 32 -17.16 -10.06 1.04
CA LEU A 32 -17.60 -11.31 1.62
C LEU A 32 -16.71 -11.69 2.79
N PRO A 34 -15.42 -11.32 6.84
CA PRO A 34 -16.12 -10.98 8.09
C PRO A 34 -16.22 -9.47 8.28
N SER A 35 -17.34 -9.03 8.85
CA SER A 35 -17.66 -7.62 8.91
C SER A 35 -16.63 -6.80 9.69
N SER A 36 -15.88 -7.44 10.58
CA SER A 36 -14.82 -6.78 11.34
C SER A 36 -13.56 -6.46 10.52
N TYR A 37 -13.49 -6.96 9.29
CA TYR A 37 -12.36 -6.64 8.42
C TYR A 37 -12.51 -5.26 7.79
N GLN A 38 -11.42 -4.50 7.82
CA GLN A 38 -11.34 -3.23 7.14
C GLN A 38 -11.03 -3.50 5.67
N VAL A 39 -11.87 -3.02 4.77
CA VAL A 39 -11.67 -3.29 3.36
C VAL A 39 -11.52 -2.00 2.59
N CYS A 40 -11.15 -2.16 1.32
CA CYS A 40 -10.77 -1.08 0.44
C CYS A 40 -11.24 -1.46 -0.97
N TRP A 41 -11.87 -0.53 -1.68
CA TRP A 41 -12.24 -0.74 -3.08
C TRP A 41 -11.59 0.31 -3.98
N GLN A 42 -11.00 -0.10 -5.10
CA GLN A 42 -10.63 0.85 -6.14
C GLN A 42 -11.50 0.54 -7.36
N HIS A 43 -12.29 1.51 -7.80
CA HIS A 43 -13.34 1.24 -8.76
C HIS A 43 -13.45 2.42 -9.75
N PRO A 44 -14.37 2.35 -10.72
CA PRO A 44 -14.28 3.40 -11.73
C PRO A 44 -14.56 4.81 -11.24
N GLN A 45 -15.08 5.02 -10.05
CA GLN A 45 -15.24 6.40 -9.60
C GLN A 45 -14.41 6.69 -8.35
N GLY A 46 -13.26 6.03 -8.26
CA GLY A 46 -12.28 6.35 -7.23
C GLY A 46 -12.14 5.25 -6.19
N ARG A 47 -12.18 5.65 -4.93
CA ARG A 47 -11.85 4.73 -3.85
C ARG A 47 -12.93 4.76 -2.77
N SER A 48 -13.22 3.60 -2.18
CA SER A 48 -14.20 3.55 -1.11
C SER A 48 -13.75 2.56 -0.03
N GLN A 49 -13.96 2.85 1.25
CA GLN A 49 -13.69 1.82 2.25
C GLN A 49 -14.96 1.24 2.90
N GLU A 50 -16.11 1.53 2.31
CA GLU A 50 -17.38 0.92 2.77
C GLU A 50 -17.42 -0.55 2.35
N ARG A 51 -18.03 -1.40 3.18
CA ARG A 51 -18.09 -2.83 2.86
C ARG A 51 -18.97 -3.10 1.65
N GLU A 52 -19.98 -2.26 1.46
CA GLU A 52 -20.86 -2.40 0.30
C GLU A 52 -20.94 -1.09 -0.44
N VAL A 53 -20.68 -1.16 -1.73
CA VAL A 53 -20.61 0.03 -2.58
C VAL A 53 -21.55 -0.13 -3.75
N THR A 54 -22.34 0.90 -4.04
CA THR A 54 -23.17 0.89 -5.24
C THR A 54 -22.60 1.81 -6.30
N LEU A 55 -22.49 1.29 -7.53
CA LEU A 55 -22.05 2.06 -8.68
C LEU A 55 -23.18 2.20 -9.70
N GLN A 56 -23.44 3.44 -10.12
CA GLN A 56 -24.40 3.69 -11.19
C GLN A 56 -23.60 4.09 -12.44
N PRO A 58 -23.39 4.91 -16.22
CA PRO A 58 -24.24 5.24 -17.36
C PRO A 58 -23.66 4.80 -18.71
N PHE A 59 -22.34 4.68 -18.81
CA PHE A 59 -21.73 4.54 -20.13
C PHE A 59 -21.29 3.11 -20.46
N GLU A 60 -21.57 2.70 -21.69
CA GLU A 60 -21.15 1.40 -22.21
C GLU A 60 -19.62 1.32 -22.19
N GLY A 61 -19.09 0.26 -21.60
CA GLY A 61 -17.64 0.13 -21.45
C GLY A 61 -17.16 -1.09 -20.67
N LYS A 62 -15.85 -1.20 -20.50
CA LYS A 62 -15.26 -2.29 -19.74
C LYS A 62 -14.55 -1.71 -18.51
N TYR A 63 -14.87 -2.24 -17.33
CA TYR A 63 -14.45 -1.59 -16.09
C TYR A 63 -13.69 -2.54 -15.17
N GLU A 64 -12.79 -1.99 -14.34
CA GLU A 64 -12.04 -2.78 -13.38
C GLU A 64 -12.40 -2.42 -11.95
N VAL A 65 -12.31 -3.40 -11.06
CA VAL A 65 -12.55 -3.23 -9.63
C VAL A 65 -11.46 -3.98 -8.91
N THR A 66 -10.79 -3.30 -7.99
CA THR A 66 -9.77 -3.95 -7.15
C THR A 66 -10.21 -3.94 -5.71
N PHE A 67 -10.19 -5.12 -5.08
CA PHE A 67 -10.59 -5.28 -3.69
C PHE A 67 -9.36 -5.48 -2.83
N GLY A 68 -9.27 -4.72 -1.74
CA GLY A 68 -8.15 -4.78 -0.83
C GLY A 68 -8.60 -5.00 0.62
N VAL A 69 -7.74 -5.60 1.42
CA VAL A 69 -8.05 -5.90 2.81
C VAL A 69 -6.92 -5.43 3.70
N GLN A 70 -7.28 -4.71 4.76
CA GLN A 70 -6.27 -4.22 5.71
C GLN A 70 -5.69 -5.38 6.49
N THR A 71 -4.37 -5.43 6.57
CA THR A 71 -3.69 -6.42 7.41
C THR A 71 -2.72 -5.76 8.35
N ARG A 72 -2.02 -6.60 9.09
CA ARG A 72 -1.02 -6.19 10.05
C ARG A 72 0.09 -5.45 9.33
N GLY A 73 0.39 -5.88 8.12
CA GLY A 73 1.43 -5.25 7.33
C GLY A 73 0.93 -4.23 6.31
N GLY A 74 -0.28 -3.71 6.48
CA GLY A 74 -0.84 -2.79 5.51
C GLY A 74 -1.85 -3.46 4.60
N ILE A 75 -2.26 -2.80 3.53
CA ILE A 75 -3.34 -3.29 2.72
C ILE A 75 -2.86 -4.25 1.63
N VAL A 76 -3.53 -5.38 1.52
CA VAL A 76 -3.24 -6.36 0.48
C VAL A 76 -4.34 -6.29 -0.57
N TYR A 77 -3.95 -6.14 -1.84
CA TYR A 77 -4.93 -5.98 -2.92
C TYR A 77 -4.98 -7.22 -3.81
N GLY A 78 -6.18 -7.65 -4.17
CA GLY A 78 -6.29 -8.74 -5.12
C GLY A 78 -6.04 -8.22 -6.53
N ASN A 79 -5.84 -9.13 -7.48
CA ASN A 79 -5.76 -8.76 -8.89
C ASN A 79 -7.12 -8.20 -9.33
N PRO A 80 -7.11 -7.29 -10.30
CA PRO A 80 -8.37 -6.59 -10.61
C PRO A 80 -9.43 -7.53 -11.19
N ALA A 81 -10.68 -7.35 -10.77
CA ALA A 81 -11.79 -8.03 -11.44
C ALA A 81 -12.33 -7.09 -12.51
N THR A 82 -13.06 -7.62 -13.48
CA THR A 82 -13.64 -6.76 -14.51
C THR A 82 -15.16 -6.88 -14.51
N PHE A 83 -15.84 -5.82 -14.91
CA PHE A 83 -17.22 -5.95 -15.33
C PHE A 83 -17.45 -5.09 -16.57
N THR A 84 -18.49 -5.44 -17.33
CA THR A 84 -18.87 -4.65 -18.51
C THR A 84 -20.29 -4.09 -18.41
N ILE A 85 -20.47 -2.89 -18.96
CA ILE A 85 -21.77 -2.26 -19.11
C ILE A 85 -22.16 -2.34 -20.59
N ASP A 86 -23.25 -3.03 -20.88
CA ASP A 86 -23.64 -3.31 -22.25
C ASP A 86 -24.37 -2.17 -22.97
N SER A 87 -25.03 -1.29 -22.25
CA SER A 87 -25.71 -0.21 -22.96
C SER A 87 -25.83 1.06 -22.14
N PHE A 88 -26.12 2.16 -22.83
CA PHE A 88 -26.11 3.50 -22.25
C PHE A 88 -27.37 3.80 -21.43
N CYS A 89 -27.20 4.28 -20.21
CA CYS A 89 -28.34 4.65 -19.38
C CYS A 89 -28.30 6.15 -19.05
N ALA A 90 -29.09 6.94 -19.77
CA ALA A 90 -29.12 8.39 -19.63
C ALA A 90 -29.48 8.85 -18.21
N ASP A 91 -30.26 8.03 -17.51
CA ASP A 91 -30.67 8.32 -16.15
C ASP A 91 -29.48 8.58 -15.23
N PHE A 92 -28.37 7.95 -15.51
CA PHE A 92 -27.23 7.97 -14.59
C PHE A 92 -26.21 9.05 -14.97
N VAL A 93 -26.53 9.82 -16.00
CA VAL A 93 -25.73 10.98 -16.36
C VAL A 93 -26.17 12.20 -15.56
N ALA B 3 6.85 -12.85 -5.80
CA ALA B 3 6.93 -11.42 -5.53
C ALA B 3 7.66 -11.15 -4.21
N VAL B 4 7.77 -9.89 -3.85
CA VAL B 4 8.49 -9.47 -2.66
C VAL B 4 7.71 -9.79 -1.39
N THR B 5 8.40 -10.35 -0.39
CA THR B 5 7.75 -10.73 0.86
C THR B 5 8.37 -9.97 2.04
N VAL B 6 7.70 -9.99 3.19
CA VAL B 6 8.20 -9.30 4.38
C VAL B 6 9.60 -9.80 4.76
N ASP B 7 9.79 -11.11 4.68
CA ASP B 7 11.07 -11.72 5.02
C ASP B 7 12.21 -11.26 4.12
N ASP B 8 11.87 -10.83 2.90
CA ASP B 8 12.88 -10.32 1.98
C ASP B 8 13.43 -8.97 2.43
N LEU B 9 12.58 -8.16 3.07
CA LEU B 9 12.92 -6.79 3.36
C LEU B 9 13.59 -6.65 4.72
N VAL B 10 14.83 -7.13 4.83
CA VAL B 10 15.55 -7.02 6.08
C VAL B 10 16.82 -6.21 5.91
N GLU B 11 17.21 -5.54 6.99
CA GLU B 11 18.38 -4.68 6.97
C GLU B 11 19.61 -5.49 6.60
N GLY B 12 20.47 -4.92 5.76
CA GLY B 12 21.67 -5.59 5.29
C GLY B 12 21.43 -6.30 3.98
N ILE B 13 20.16 -6.53 3.66
CA ILE B 13 19.80 -7.28 2.46
C ILE B 13 19.04 -6.42 1.48
N ALA B 14 17.90 -5.87 1.91
CA ALA B 14 17.08 -5.03 1.05
C ALA B 14 17.37 -3.54 1.21
N PHE B 15 17.96 -3.18 2.35
CA PHE B 15 18.20 -1.78 2.63
C PHE B 15 19.28 -1.65 3.70
N SER B 16 19.92 -0.50 3.78
CA SER B 16 20.93 -0.29 4.81
C SER B 16 20.66 1.01 5.54
N ILE B 17 21.11 1.07 6.78
CA ILE B 17 21.07 2.26 7.63
C ILE B 17 22.46 2.47 8.16
N THR B 18 23.08 3.60 7.82
CA THR B 18 24.48 3.82 8.16
C THR B 18 24.74 5.24 8.71
N HIS B 19 25.57 5.34 9.74
CA HIS B 19 25.96 6.64 10.28
C HIS B 19 27.04 7.28 9.43
N ASP B 20 27.01 8.60 9.26
CA ASP B 20 28.12 9.28 8.60
C ASP B 20 29.41 9.10 9.40
N SER B 21 30.53 8.90 8.72
CA SER B 21 31.77 8.53 9.41
C SER B 21 32.43 9.70 10.14
N GLU B 22 32.08 10.93 9.78
CA GLU B 22 32.65 12.12 10.42
C GLU B 22 31.67 12.77 11.39
N ASN B 23 30.39 12.68 11.08
CA ASN B 23 29.33 13.14 11.97
C ASN B 23 28.29 12.04 12.11
N PRO B 24 28.36 11.28 13.20
CA PRO B 24 27.45 10.13 13.41
C PRO B 24 26.01 10.53 13.68
N ASN B 25 25.71 11.82 13.80
CA ASN B 25 24.30 12.23 13.89
C ASN B 25 23.65 12.33 12.53
N ILE B 26 24.45 12.16 11.47
CA ILE B 26 23.92 12.10 10.12
C ILE B 26 23.72 10.64 9.75
N VAL B 27 22.50 10.28 9.38
CA VAL B 27 22.17 8.90 9.13
C VAL B 27 21.66 8.74 7.71
N TYR B 28 22.27 7.80 6.97
CA TYR B 28 21.88 7.52 5.58
C TYR B 28 21.00 6.27 5.47
N LEU B 29 19.82 6.44 4.87
CA LEU B 29 18.96 5.32 4.50
C LEU B 29 19.16 5.00 3.02
N LYS B 30 19.55 3.78 2.71
CA LYS B 30 19.78 3.39 1.31
C LYS B 30 19.04 2.14 0.92
N SER B 31 18.31 2.21 -0.18
CA SER B 31 17.72 1.02 -0.75
C SER B 31 18.80 0.12 -1.38
N LEU B 32 18.75 -1.17 -1.11
CA LEU B 32 19.65 -2.09 -1.80
C LEU B 32 18.88 -2.89 -2.85
N PRO B 34 16.97 -3.52 -6.58
CA PRO B 34 17.16 -3.01 -7.94
C PRO B 34 16.47 -1.66 -8.15
N SER B 35 17.02 -0.82 -9.03
CA SER B 35 16.52 0.53 -9.22
C SER B 35 15.14 0.54 -9.88
N SER B 36 14.74 -0.62 -10.38
CA SER B 36 13.43 -0.78 -10.98
C SER B 36 12.33 -0.84 -9.92
N TYR B 37 12.71 -1.05 -8.67
CA TYR B 37 11.72 -1.12 -7.60
C TYR B 37 11.37 0.26 -7.07
N GLN B 38 10.08 0.48 -6.84
CA GLN B 38 9.62 1.68 -6.16
C GLN B 38 9.60 1.38 -4.67
N VAL B 39 10.31 2.20 -3.91
CA VAL B 39 10.43 1.94 -2.48
C VAL B 39 9.91 3.10 -1.68
N CYS B 40 9.71 2.87 -0.39
CA CYS B 40 9.45 4.00 0.49
C CYS B 40 9.97 3.76 1.90
N TRP B 41 10.02 4.85 2.65
CA TRP B 41 10.59 4.88 3.98
C TRP B 41 9.59 5.52 4.92
N GLN B 42 9.41 4.94 6.09
CA GLN B 42 8.78 5.63 7.20
C GLN B 42 9.86 5.81 8.25
N HIS B 43 10.11 7.05 8.64
CA HIS B 43 11.26 7.38 9.46
C HIS B 43 10.86 8.50 10.45
N PRO B 44 11.77 8.92 11.35
CA PRO B 44 11.32 9.87 12.38
C PRO B 44 10.85 11.26 11.88
N GLN B 45 11.09 11.61 10.62
CA GLN B 45 10.61 12.90 10.09
C GLN B 45 9.49 12.72 9.08
N GLY B 46 8.91 11.54 9.02
CA GLY B 46 7.79 11.33 8.13
C GLY B 46 8.04 10.24 7.11
N ARG B 47 7.75 10.53 5.85
CA ARG B 47 7.78 9.51 4.82
C ARG B 47 8.59 9.98 3.61
N SER B 48 9.36 9.09 3.01
CA SER B 48 10.09 9.47 1.81
C SER B 48 9.98 8.34 0.79
N GLN B 49 10.03 8.70 -0.48
CA GLN B 49 9.96 7.72 -1.56
C GLN B 49 11.30 7.64 -2.30
N GLU B 50 12.28 8.43 -1.86
CA GLU B 50 13.60 8.43 -2.48
C GLU B 50 14.36 7.14 -2.14
N ARG B 51 15.22 6.67 -3.03
CA ARG B 51 15.99 5.46 -2.74
C ARG B 51 17.10 5.72 -1.74
N GLU B 52 17.56 6.97 -1.66
CA GLU B 52 18.55 7.35 -0.66
C GLU B 52 18.05 8.55 0.13
N VAL B 53 18.04 8.43 1.45
CA VAL B 53 17.51 9.49 2.32
C VAL B 53 18.55 9.85 3.35
N THR B 54 18.76 11.15 3.55
CA THR B 54 19.66 11.62 4.62
C THR B 54 18.84 12.18 5.79
N LEU B 55 19.11 11.68 6.99
CA LEU B 55 18.48 12.17 8.21
C LEU B 55 19.53 12.88 9.08
N GLN B 56 19.25 14.12 9.45
CA GLN B 56 20.10 14.81 10.42
C GLN B 56 19.40 14.75 11.77
N PRO B 58 19.63 15.40 15.57
CA PRO B 58 20.41 16.11 16.58
C PRO B 58 20.42 15.42 17.93
N PHE B 59 19.37 14.66 18.23
CA PHE B 59 19.09 14.28 19.61
C PHE B 59 19.45 12.84 19.92
N GLU B 60 20.04 12.66 21.10
CA GLU B 60 20.36 11.33 21.61
C GLU B 60 19.07 10.52 21.79
N GLY B 61 19.04 9.29 21.26
CA GLY B 61 17.83 8.50 21.31
C GLY B 61 17.85 7.26 20.46
N LYS B 62 16.72 6.56 20.46
CA LYS B 62 16.58 5.32 19.71
C LYS B 62 15.39 5.52 18.77
N TYR B 63 15.65 5.26 17.49
CA TYR B 63 14.73 5.62 16.40
C TYR B 63 14.38 4.42 15.54
N GLU B 64 13.23 4.50 14.89
CA GLU B 64 12.75 3.43 14.03
C GLU B 64 12.68 3.86 12.58
N VAL B 65 12.99 2.93 11.69
CA VAL B 65 12.86 3.14 10.25
C VAL B 65 12.18 1.93 9.66
N THR B 66 11.15 2.14 8.84
CA THR B 66 10.47 1.05 8.14
C THR B 66 10.65 1.20 6.64
N PHE B 67 11.14 0.15 5.99
CA PHE B 67 11.39 0.14 4.55
C PHE B 67 10.29 -0.66 3.86
N GLY B 68 9.79 -0.12 2.75
CA GLY B 68 8.70 -0.75 2.02
C GLY B 68 8.95 -0.73 0.52
N VAL B 69 8.32 -1.66 -0.18
CA VAL B 69 8.40 -1.72 -1.63
C VAL B 69 7.00 -1.77 -2.22
N GLN B 70 6.75 -0.91 -3.20
CA GLN B 70 5.44 -0.89 -3.83
C GLN B 70 5.31 -2.03 -4.82
N THR B 71 4.24 -2.80 -4.71
CA THR B 71 3.98 -3.88 -5.65
C THR B 71 2.58 -3.73 -6.16
N ARG B 72 2.23 -4.53 -7.15
CA ARG B 72 0.87 -4.63 -7.66
C ARG B 72 -0.13 -4.98 -6.54
N GLY B 73 0.30 -5.81 -5.60
CA GLY B 73 -0.55 -6.24 -4.50
C GLY B 73 -0.57 -5.32 -3.28
N GLY B 74 0.10 -4.17 -3.39
CA GLY B 74 0.16 -3.23 -2.28
C GLY B 74 1.59 -3.00 -1.82
N ILE B 75 1.76 -2.12 -0.85
CA ILE B 75 3.10 -1.87 -0.35
C ILE B 75 3.44 -2.95 0.68
N VAL B 76 4.56 -3.63 0.46
CA VAL B 76 5.02 -4.65 1.38
C VAL B 76 6.09 -4.01 2.25
N TYR B 77 5.92 -4.10 3.57
CA TYR B 77 6.86 -3.50 4.52
C TYR B 77 7.66 -4.55 5.24
N GLY B 78 8.92 -4.24 5.51
CA GLY B 78 9.73 -5.14 6.30
C GLY B 78 9.48 -4.72 7.74
N ASN B 79 9.80 -5.59 8.68
CA ASN B 79 9.73 -5.23 10.08
C ASN B 79 10.59 -4.01 10.35
N PRO B 80 10.17 -3.17 11.30
CA PRO B 80 10.92 -1.93 11.51
C PRO B 80 12.35 -2.19 11.98
N ALA B 81 13.31 -1.43 11.45
CA ALA B 81 14.67 -1.47 11.97
C ALA B 81 14.90 -0.26 12.88
N THR B 82 15.93 -0.34 13.70
CA THR B 82 16.24 0.73 14.63
C THR B 82 17.67 1.23 14.45
N PHE B 83 17.89 2.49 14.81
CA PHE B 83 19.24 3.02 14.95
C PHE B 83 19.24 3.88 16.21
N THR B 84 20.42 4.08 16.79
CA THR B 84 20.52 4.93 17.96
C THR B 84 21.44 6.10 17.67
N ILE B 85 21.16 7.22 18.31
CA ILE B 85 22.01 8.39 18.24
C ILE B 85 22.64 8.54 19.62
N ASP B 86 23.98 8.58 19.68
CA ASP B 86 24.69 8.53 20.96
C ASP B 86 24.86 9.89 21.65
N SER B 87 24.98 10.97 20.89
CA SER B 87 25.14 12.26 21.55
C SER B 87 24.50 13.41 20.79
N PHE B 88 24.29 14.52 21.48
CA PHE B 88 23.62 15.66 20.89
C PHE B 88 24.52 16.38 19.89
N CYS B 89 23.98 16.69 18.71
CA CYS B 89 24.74 17.47 17.72
C CYS B 89 24.02 18.77 17.42
N ALA B 90 24.68 19.87 17.74
CA ALA B 90 24.08 21.20 17.58
C ALA B 90 24.19 21.75 16.16
N ASP B 91 25.10 21.22 15.36
CA ASP B 91 25.50 21.91 14.14
C ASP B 91 25.78 20.96 12.98
N PHE B 92 25.01 21.13 11.89
CA PHE B 92 25.17 20.30 10.70
C PHE B 92 25.64 21.10 9.47
N VAL B 93 25.87 22.41 9.63
CA VAL B 93 26.25 23.24 8.48
C VAL B 93 27.75 23.53 8.43
#